data_1LEK
#
_entry.id   1LEK
#
_cell.length_a   135.894
_cell.length_b   87.123
_cell.length_c   45.231
_cell.angle_alpha   90
_cell.angle_beta   90
_cell.angle_gamma   90
#
_symmetry.space_group_name_H-M   'P 21 21 2'
#
loop_
_entity.id
_entity.type
_entity.pdbx_description
1 polymer 'H-2 CLASS I HISTOCOMPATIBILITY ANTIGEN, K-B ALPHA CHAIN'
2 polymer Beta-2-microglobulin
3 polymer dEV8
4 branched 2-acetamido-2-deoxy-beta-D-glucopyranose-(1-4)-[alpha-L-fucopyranose-(1-6)]2-acetamido-2-deoxy-beta-D-glucopyranose
5 non-polymer 2-acetamido-2-deoxy-beta-D-glucopyranose
6 non-polymer 'PHOSPHATE ION'
7 water water
#
loop_
_entity_poly.entity_id
_entity_poly.type
_entity_poly.pdbx_seq_one_letter_code
_entity_poly.pdbx_strand_id
1 'polypeptide(L)'
;GPHSLRYFVTAVSRPGLGEPRYMEVGYVDDTEFVRFDSDAENPRYEPRARWMEQEGPEYWERETQKAKGNEQSFRVSLRT
LLGYYNQSAGGSHTIQVISGCEVGSDGRLLRGYQQYAYDG(CSO)DYIALNEDLKTWTAADMAALITKHKWEQAGEAERL
RAYLEGTCVEWLRRYLKNGNATLLRTDSPKAHVTHHSRPEDKVTLRCWALGFYPADITLTWQLNGEELIQDMELVETRPA
GDGTFQKWASVVVPLGKEQYYTCHVYHQGLPEPLTLRW
;
A
2 'polypeptide(L)'
;IQKTPQIQVYSRHPPENGKPNILNCYVTQFHPPHIEIQMLKNGKKIPKVEMSDMSFSKDWSFYILAHTEFTPTETDTYAC
RVKHDSMAEPKTVYWDRDM
;
B
3 'polypeptide(L)' EQYKFYSV P
#
loop_
_chem_comp.id
_chem_comp.type
_chem_comp.name
_chem_comp.formula
FUC L-saccharide, alpha linking alpha-L-fucopyranose 'C6 H12 O5'
NAG D-saccharide, beta linking 2-acetamido-2-deoxy-beta-D-glucopyranose 'C8 H15 N O6'
PO4 non-polymer 'PHOSPHATE ION' 'O4 P -3'
#
# COMPACT_ATOMS: atom_id res chain seq x y z
N GLY A 1 -16.36 0.70 13.90
CA GLY A 1 -15.84 2.01 13.42
C GLY A 1 -16.09 2.19 11.93
N PRO A 2 -15.52 3.24 11.31
CA PRO A 2 -15.70 3.50 9.88
C PRO A 2 -14.94 2.50 9.01
N HIS A 3 -15.41 2.32 7.77
CA HIS A 3 -14.76 1.40 6.85
C HIS A 3 -14.65 1.99 5.47
N SER A 4 -13.72 1.47 4.68
CA SER A 4 -13.54 2.00 3.33
C SER A 4 -13.35 0.94 2.25
N LEU A 5 -13.73 1.33 1.03
CA LEU A 5 -13.58 0.51 -0.16
C LEU A 5 -12.70 1.39 -1.04
N ARG A 6 -11.53 0.90 -1.43
CA ARG A 6 -10.61 1.69 -2.25
C ARG A 6 -9.96 0.91 -3.39
N TYR A 7 -9.84 1.56 -4.53
CA TYR A 7 -9.22 0.97 -5.70
C TYR A 7 -8.04 1.81 -6.16
N PHE A 8 -6.89 1.16 -6.32
CA PHE A 8 -5.69 1.84 -6.79
C PHE A 8 -5.47 1.36 -8.21
N VAL A 9 -5.50 2.28 -9.16
CA VAL A 9 -5.32 1.96 -10.57
C VAL A 9 -4.07 2.61 -11.13
N THR A 10 -3.28 1.82 -11.85
CA THR A 10 -2.04 2.31 -12.45
C THR A 10 -1.92 1.87 -13.91
N ALA A 11 -1.57 2.81 -14.77
CA ALA A 11 -1.37 2.52 -16.18
C ALA A 11 -0.01 3.13 -16.53
N VAL A 12 0.88 2.30 -17.05
CA VAL A 12 2.23 2.74 -17.39
C VAL A 12 2.59 2.37 -18.82
N SER A 13 2.90 3.36 -19.65
CA SER A 13 3.26 3.07 -21.04
C SER A 13 4.71 2.58 -21.09
N ARG A 14 5.05 1.85 -22.16
CA ARG A 14 6.40 1.34 -22.32
C ARG A 14 6.73 1.21 -23.80
N PRO A 15 7.00 2.35 -24.45
CA PRO A 15 7.33 2.41 -25.88
C PRO A 15 8.34 1.36 -26.31
N GLY A 16 8.07 0.69 -27.42
CA GLY A 16 8.97 -0.32 -27.92
C GLY A 16 8.81 -1.67 -27.26
N LEU A 17 8.03 -1.75 -26.19
CA LEU A 17 7.84 -3.01 -25.48
C LEU A 17 6.40 -3.52 -25.53
N GLY A 18 5.59 -2.91 -26.37
CA GLY A 18 4.21 -3.32 -26.47
C GLY A 18 3.26 -2.37 -25.77
N GLU A 19 2.07 -2.86 -25.46
CA GLU A 19 1.03 -2.07 -24.80
C GLU A 19 1.36 -1.72 -23.35
N PRO A 20 0.72 -0.67 -22.82
CA PRO A 20 0.95 -0.25 -21.44
C PRO A 20 0.59 -1.36 -20.44
N ARG A 21 1.26 -1.38 -19.29
CA ARG A 21 0.89 -2.37 -18.31
C ARG A 21 -0.22 -1.71 -17.51
N TYR A 22 -1.28 -2.47 -17.24
CA TYR A 22 -2.44 -1.95 -16.52
C TYR A 22 -2.72 -2.80 -15.28
N MET A 23 -2.87 -2.14 -14.14
CA MET A 23 -3.13 -2.84 -12.90
C MET A 23 -4.21 -2.20 -12.06
N GLU A 24 -4.96 -3.06 -11.38
CA GLU A 24 -6.03 -2.62 -10.47
C GLU A 24 -5.92 -3.43 -9.19
N VAL A 25 -5.90 -2.76 -8.05
CA VAL A 25 -5.84 -3.43 -6.76
C VAL A 25 -6.90 -2.83 -5.86
N GLY A 26 -7.75 -3.68 -5.28
CA GLY A 26 -8.80 -3.20 -4.41
C GLY A 26 -8.56 -3.54 -2.96
N TYR A 27 -8.98 -2.63 -2.07
CA TYR A 27 -8.84 -2.84 -0.64
C TYR A 27 -10.13 -2.54 0.12
N VAL A 28 -10.39 -3.33 1.15
CA VAL A 28 -11.52 -3.08 2.04
C VAL A 28 -10.71 -2.72 3.28
N ASP A 29 -10.74 -1.44 3.66
CA ASP A 29 -9.93 -0.97 4.78
C ASP A 29 -8.47 -1.20 4.40
N ASP A 30 -7.68 -1.79 5.30
CA ASP A 30 -6.27 -2.03 4.98
C ASP A 30 -6.01 -3.43 4.43
N THR A 31 -7.07 -4.12 4.01
CA THR A 31 -6.95 -5.49 3.49
C THR A 31 -7.17 -5.62 1.97
N GLU A 32 -6.15 -6.10 1.26
CA GLU A 32 -6.26 -6.32 -0.19
C GLU A 32 -7.27 -7.44 -0.44
N PHE A 33 -8.18 -7.27 -1.40
CA PHE A 33 -9.17 -8.32 -1.66
C PHE A 33 -9.41 -8.69 -3.12
N VAL A 34 -9.03 -7.82 -4.06
CA VAL A 34 -9.17 -8.12 -5.49
C VAL A 34 -7.98 -7.56 -6.26
N ARG A 35 -7.72 -8.12 -7.43
CA ARG A 35 -6.62 -7.66 -8.25
C ARG A 35 -6.71 -8.03 -9.72
N PHE A 36 -6.21 -7.13 -10.57
CA PHE A 36 -6.15 -7.33 -12.01
C PHE A 36 -4.78 -6.84 -12.47
N ASP A 37 -4.08 -7.67 -13.25
CA ASP A 37 -2.76 -7.33 -13.77
C ASP A 37 -2.73 -7.75 -15.23
N SER A 38 -2.65 -6.78 -16.14
CA SER A 38 -2.61 -7.06 -17.57
C SER A 38 -1.39 -7.88 -17.99
N ASP A 39 -0.38 -7.94 -17.14
CA ASP A 39 0.83 -8.69 -17.46
C ASP A 39 0.75 -10.18 -17.17
N ALA A 40 -0.41 -10.63 -16.73
CA ALA A 40 -0.60 -12.05 -16.44
C ALA A 40 -0.84 -12.77 -17.76
N GLU A 41 -0.62 -14.07 -17.78
CA GLU A 41 -0.81 -14.87 -18.98
C GLU A 41 -2.24 -14.70 -19.47
N ASN A 42 -3.18 -15.08 -18.62
CA ASN A 42 -4.60 -14.97 -18.92
C ASN A 42 -5.21 -13.98 -17.92
N PRO A 43 -5.00 -12.67 -18.16
CA PRO A 43 -5.50 -11.59 -17.29
C PRO A 43 -6.94 -11.73 -16.86
N ARG A 44 -7.16 -11.84 -15.55
CA ARG A 44 -8.49 -11.93 -14.99
C ARG A 44 -8.52 -11.33 -13.61
N TYR A 45 -9.67 -10.78 -13.23
CA TYR A 45 -9.83 -10.21 -11.90
C TYR A 45 -9.78 -11.41 -10.97
N GLU A 46 -8.98 -11.34 -9.92
CA GLU A 46 -8.92 -12.48 -9.02
C GLU A 46 -9.02 -12.11 -7.55
N PRO A 47 -9.52 -13.06 -6.73
CA PRO A 47 -9.66 -12.85 -5.28
C PRO A 47 -8.31 -12.74 -4.61
N ARG A 48 -8.22 -11.93 -3.58
CA ARG A 48 -6.98 -11.73 -2.86
C ARG A 48 -7.21 -11.96 -1.37
N ALA A 49 -8.47 -12.14 -1.01
CA ALA A 49 -8.87 -12.42 0.38
C ALA A 49 -9.78 -13.66 0.35
N ARG A 50 -9.63 -14.51 1.36
CA ARG A 50 -10.40 -15.74 1.45
C ARG A 50 -11.90 -15.60 1.32
N TRP A 51 -12.48 -14.60 1.98
CA TRP A 51 -13.92 -14.41 1.96
C TRP A 51 -14.52 -14.06 0.61
N MET A 52 -13.70 -13.67 -0.36
CA MET A 52 -14.23 -13.35 -1.68
C MET A 52 -14.65 -14.62 -2.42
N GLU A 53 -14.46 -15.77 -1.78
CA GLU A 53 -14.85 -17.06 -2.36
C GLU A 53 -16.39 -17.13 -2.36
N GLN A 54 -17.01 -16.26 -1.56
CA GLN A 54 -18.46 -16.21 -1.44
C GLN A 54 -19.14 -15.59 -2.66
N GLU A 55 -18.38 -14.92 -3.53
CA GLU A 55 -18.97 -14.34 -4.73
C GLU A 55 -19.07 -15.43 -5.81
N GLY A 56 -20.15 -15.41 -6.58
CA GLY A 56 -20.31 -16.42 -7.61
C GLY A 56 -19.42 -16.18 -8.82
N PRO A 57 -19.39 -17.13 -9.77
CA PRO A 57 -18.56 -17.01 -10.97
C PRO A 57 -18.90 -15.79 -11.82
N GLU A 58 -20.15 -15.35 -11.78
CA GLU A 58 -20.54 -14.18 -12.56
C GLU A 58 -19.85 -12.90 -12.08
N TYR A 59 -19.56 -12.83 -10.78
CA TYR A 59 -18.89 -11.67 -10.23
C TYR A 59 -17.56 -11.48 -10.95
N TRP A 60 -16.79 -12.56 -11.01
CA TRP A 60 -15.49 -12.55 -11.65
C TRP A 60 -15.53 -12.24 -13.13
N GLU A 61 -16.55 -12.75 -13.81
CA GLU A 61 -16.67 -12.50 -15.24
C GLU A 61 -16.98 -11.03 -15.44
N ARG A 62 -17.94 -10.53 -14.67
CA ARG A 62 -18.35 -9.13 -14.74
C ARG A 62 -17.17 -8.20 -14.50
N GLU A 63 -16.48 -8.38 -13.36
CA GLU A 63 -15.36 -7.52 -13.03
C GLU A 63 -14.20 -7.67 -14.03
N THR A 64 -13.97 -8.88 -14.52
CA THR A 64 -12.89 -9.09 -15.49
C THR A 64 -13.20 -8.24 -16.73
N GLN A 65 -14.44 -8.32 -17.20
CA GLN A 65 -14.84 -7.55 -18.38
C GLN A 65 -14.69 -6.06 -18.13
N LYS A 66 -15.06 -5.61 -16.93
CA LYS A 66 -14.94 -4.20 -16.58
C LYS A 66 -13.48 -3.78 -16.61
N ALA A 67 -12.61 -4.60 -16.04
CA ALA A 67 -11.18 -4.32 -16.01
C ALA A 67 -10.59 -4.17 -17.41
N LYS A 68 -10.95 -5.09 -18.32
CA LYS A 68 -10.44 -5.02 -19.68
C LYS A 68 -10.86 -3.72 -20.35
N GLY A 69 -12.07 -3.28 -20.03
CA GLY A 69 -12.56 -2.03 -20.60
C GLY A 69 -11.83 -0.85 -20.02
N ASN A 70 -11.50 -0.91 -18.73
CA ASN A 70 -10.80 0.18 -18.08
C ASN A 70 -9.38 0.27 -18.64
N GLU A 71 -8.76 -0.89 -18.84
CA GLU A 71 -7.41 -0.94 -19.39
C GLU A 71 -7.37 -0.14 -20.69
N GLN A 72 -8.34 -0.40 -21.58
CA GLN A 72 -8.41 0.31 -22.85
C GLN A 72 -8.63 1.80 -22.65
N SER A 73 -9.51 2.15 -21.71
CA SER A 73 -9.78 3.53 -21.41
C SER A 73 -8.51 4.26 -21.00
N PHE A 74 -7.72 3.64 -20.14
CA PHE A 74 -6.48 4.28 -19.69
C PHE A 74 -5.39 4.29 -20.74
N ARG A 75 -5.42 3.30 -21.64
CA ARG A 75 -4.43 3.29 -22.71
C ARG A 75 -4.68 4.50 -23.59
N VAL A 76 -5.95 4.84 -23.77
CA VAL A 76 -6.32 5.98 -24.59
C VAL A 76 -5.98 7.26 -23.82
N SER A 77 -6.15 7.22 -22.50
CA SER A 77 -5.83 8.38 -21.68
C SER A 77 -4.34 8.70 -21.81
N LEU A 78 -3.51 7.67 -21.76
CA LEU A 78 -2.06 7.85 -21.89
C LEU A 78 -1.73 8.55 -23.20
N ARG A 79 -2.34 8.08 -24.28
CA ARG A 79 -2.12 8.65 -25.60
C ARG A 79 -2.64 10.08 -25.67
N THR A 80 -3.81 10.32 -25.10
CA THR A 80 -4.41 11.64 -25.10
C THR A 80 -3.55 12.66 -24.35
N LEU A 81 -3.00 12.24 -23.22
CA LEU A 81 -2.17 13.13 -22.42
C LEU A 81 -0.91 13.58 -23.17
N LEU A 82 -0.42 12.74 -24.08
CA LEU A 82 0.76 13.09 -24.86
C LEU A 82 0.38 14.30 -25.72
N GLY A 83 -0.88 14.33 -26.14
CA GLY A 83 -1.36 15.43 -26.95
C GLY A 83 -1.54 16.69 -26.12
N TYR A 84 -2.20 16.55 -24.97
CA TYR A 84 -2.41 17.72 -24.12
C TYR A 84 -1.09 18.37 -23.74
N TYR A 85 -0.13 17.56 -23.31
CA TYR A 85 1.17 18.06 -22.90
C TYR A 85 2.18 18.19 -24.03
N ASN A 86 1.79 17.79 -25.23
CA ASN A 86 2.66 17.89 -26.38
C ASN A 86 3.99 17.17 -26.13
N GLN A 87 3.91 15.92 -25.72
CA GLN A 87 5.08 15.12 -25.39
C GLN A 87 5.33 14.07 -26.47
N SER A 88 6.57 13.59 -26.54
CA SER A 88 6.96 12.58 -27.52
C SER A 88 6.41 11.21 -27.15
N ALA A 89 6.14 10.40 -28.17
CA ALA A 89 5.60 9.06 -27.95
C ALA A 89 6.67 8.03 -27.59
N GLY A 90 7.92 8.47 -27.45
CA GLY A 90 8.97 7.54 -27.12
C GLY A 90 9.24 7.36 -25.64
N GLY A 91 8.64 8.21 -24.81
CA GLY A 91 8.87 8.11 -23.38
C GLY A 91 7.78 7.40 -22.59
N SER A 92 8.17 6.87 -21.44
CA SER A 92 7.23 6.16 -20.56
C SER A 92 6.52 7.16 -19.66
N HIS A 93 5.23 6.96 -19.45
CA HIS A 93 4.45 7.86 -18.62
C HIS A 93 3.52 7.05 -17.73
N THR A 94 3.08 7.67 -16.65
CA THR A 94 2.22 6.98 -15.69
C THR A 94 0.97 7.75 -15.32
N ILE A 95 -0.15 7.02 -15.27
CA ILE A 95 -1.40 7.60 -14.82
C ILE A 95 -1.79 6.81 -13.58
N GLN A 96 -2.21 7.52 -12.53
CA GLN A 96 -2.61 6.87 -11.29
C GLN A 96 -3.98 7.37 -10.84
N VAL A 97 -4.74 6.50 -10.18
CA VAL A 97 -6.06 6.88 -9.69
C VAL A 97 -6.47 6.14 -8.40
N ILE A 98 -6.96 6.89 -7.41
CA ILE A 98 -7.48 6.28 -6.18
C ILE A 98 -8.96 6.60 -6.31
N SER A 99 -9.81 5.61 -6.07
CA SER A 99 -11.23 5.79 -6.18
C SER A 99 -11.84 5.02 -5.02
N GLY A 100 -12.81 5.62 -4.34
CA GLY A 100 -13.40 4.90 -3.22
C GLY A 100 -14.41 5.66 -2.39
N CYS A 101 -14.98 4.95 -1.43
CA CYS A 101 -15.97 5.52 -0.54
C CYS A 101 -15.73 4.99 0.86
N GLU A 102 -16.23 5.72 1.85
CA GLU A 102 -16.09 5.33 3.24
C GLU A 102 -17.44 5.47 3.93
N VAL A 103 -17.79 4.49 4.75
CA VAL A 103 -19.04 4.53 5.48
C VAL A 103 -18.78 4.52 6.98
N GLY A 104 -19.75 5.01 7.73
CA GLY A 104 -19.61 5.04 9.17
C GLY A 104 -19.91 3.64 9.70
N SER A 105 -19.92 3.54 11.03
CA SER A 105 -20.20 2.29 11.70
C SER A 105 -21.59 1.78 11.35
N ASP A 106 -22.49 2.69 10.99
CA ASP A 106 -23.86 2.31 10.65
C ASP A 106 -24.05 1.95 9.17
N GLY A 107 -22.95 1.95 8.41
CA GLY A 107 -23.02 1.61 7.00
C GLY A 107 -23.48 2.75 6.10
N ARG A 108 -23.44 3.96 6.64
CA ARG A 108 -23.88 5.14 5.90
C ARG A 108 -22.69 5.94 5.35
N LEU A 109 -22.82 6.41 4.11
CA LEU A 109 -21.77 7.17 3.45
C LEU A 109 -21.21 8.33 4.26
N LEU A 110 -19.88 8.38 4.35
CA LEU A 110 -19.19 9.45 5.06
C LEU A 110 -18.53 10.36 4.04
N ARG A 111 -17.89 9.75 3.04
CA ARG A 111 -17.23 10.51 1.98
C ARG A 111 -16.85 9.65 0.78
N GLY A 112 -16.80 10.28 -0.38
CA GLY A 112 -16.43 9.59 -1.61
C GLY A 112 -15.30 10.38 -2.22
N TYR A 113 -14.54 9.76 -3.11
CA TYR A 113 -13.43 10.45 -3.74
C TYR A 113 -12.83 9.69 -4.91
N GLN A 114 -12.15 10.43 -5.76
CA GLN A 114 -11.48 9.88 -6.93
C GLN A 114 -10.51 10.94 -7.44
N GLN A 115 -9.22 10.66 -7.32
CA GLN A 115 -8.19 11.60 -7.74
C GLN A 115 -7.19 10.99 -8.72
N TYR A 116 -6.76 11.80 -9.68
CA TYR A 116 -5.82 11.37 -10.71
C TYR A 116 -4.46 12.07 -10.58
N ALA A 117 -3.43 11.40 -11.09
CA ALA A 117 -2.08 11.93 -11.12
C ALA A 117 -1.46 11.49 -12.44
N TYR A 118 -0.67 12.36 -13.03
CA TYR A 118 0.02 12.06 -14.27
C TYR A 118 1.49 12.24 -13.94
N ASP A 119 2.26 11.17 -14.11
CA ASP A 119 3.69 11.16 -13.80
C ASP A 119 4.00 11.67 -12.40
N GLY A 120 3.22 11.20 -11.42
CA GLY A 120 3.44 11.62 -10.04
C GLY A 120 2.93 13.00 -9.69
N CSO A 121 2.24 13.63 -10.42
CA CSO A 121 1.76 14.95 -10.00
CB CSO A 121 2.44 16.05 -10.84
SG CSO A 121 4.24 16.25 -10.61
C CSO A 121 0.29 15.02 -10.20
O CSO A 121 -0.30 14.55 -11.13
OD CSO A 121 4.28 16.67 -9.23
N ASP A 122 -0.56 15.67 -9.03
CA ASP A 122 -1.97 16.00 -9.18
C ASP A 122 -2.36 16.44 -10.59
N TYR A 123 -3.43 15.83 -11.10
CA TYR A 123 -3.94 16.14 -12.41
C TYR A 123 -5.36 16.68 -12.24
N ILE A 124 -6.26 15.82 -11.76
CA ILE A 124 -7.65 16.21 -11.55
C ILE A 124 -8.23 15.44 -10.36
N ALA A 125 -9.13 16.07 -9.61
CA ALA A 125 -9.75 15.45 -8.45
C ALA A 125 -11.20 15.87 -8.26
N LEU A 126 -12.02 14.94 -7.78
CA LEU A 126 -13.42 15.25 -7.54
C LEU A 126 -13.47 16.01 -6.22
N ASN A 127 -14.29 17.07 -6.17
CA ASN A 127 -14.41 17.84 -4.94
C ASN A 127 -15.27 17.08 -3.93
N GLU A 128 -15.15 17.47 -2.66
CA GLU A 128 -15.90 16.83 -1.59
C GLU A 128 -17.39 16.68 -1.86
N ASP A 129 -18.01 17.73 -2.41
CA ASP A 129 -19.43 17.73 -2.71
C ASP A 129 -19.84 16.69 -3.76
N LEU A 130 -18.85 16.08 -4.41
CA LEU A 130 -19.09 15.07 -5.43
C LEU A 130 -19.85 15.63 -6.63
N LYS A 131 -19.77 16.95 -6.82
CA LYS A 131 -20.47 17.59 -7.92
C LYS A 131 -19.58 18.25 -8.97
N THR A 132 -18.36 18.62 -8.59
CA THR A 132 -17.45 19.22 -9.55
C THR A 132 -16.02 18.74 -9.36
N TRP A 133 -15.19 19.00 -10.37
CA TRP A 133 -13.78 18.61 -10.35
C TRP A 133 -12.89 19.83 -10.17
N THR A 134 -11.66 19.60 -9.72
CA THR A 134 -10.70 20.68 -9.62
C THR A 134 -9.47 20.20 -10.39
N ALA A 135 -9.03 21.01 -11.35
CA ALA A 135 -7.91 20.67 -12.21
C ALA A 135 -6.61 21.33 -11.79
N ALA A 136 -5.52 20.56 -11.80
CA ALA A 136 -4.21 21.06 -11.40
C ALA A 136 -3.52 21.94 -12.44
N ASP A 137 -3.86 21.75 -13.72
CA ASP A 137 -3.26 22.56 -14.78
C ASP A 137 -4.19 22.69 -15.99
N MET A 138 -3.71 23.34 -17.04
CA MET A 138 -4.53 23.54 -18.23
C MET A 138 -4.88 22.28 -18.99
N ALA A 139 -4.06 21.23 -18.84
CA ALA A 139 -4.37 19.97 -19.50
C ALA A 139 -5.60 19.38 -18.79
N ALA A 140 -5.55 19.33 -17.46
CA ALA A 140 -6.64 18.79 -16.67
C ALA A 140 -7.91 19.62 -16.85
N LEU A 141 -7.76 20.91 -17.15
CA LEU A 141 -8.93 21.77 -17.37
C LEU A 141 -9.69 21.29 -18.61
N ILE A 142 -8.96 20.80 -19.61
CA ILE A 142 -9.59 20.29 -20.82
C ILE A 142 -10.43 19.07 -20.43
N THR A 143 -9.84 18.20 -19.63
CA THR A 143 -10.53 17.01 -19.17
C THR A 143 -11.77 17.42 -18.38
N LYS A 144 -11.61 18.44 -17.54
CA LYS A 144 -12.74 18.92 -16.73
C LYS A 144 -13.89 19.35 -17.63
N HIS A 145 -13.59 20.10 -18.69
CA HIS A 145 -14.64 20.57 -19.59
C HIS A 145 -15.31 19.42 -20.32
N LYS A 146 -14.52 18.43 -20.76
CA LYS A 146 -15.09 17.28 -21.45
C LYS A 146 -16.04 16.53 -20.52
N TRP A 147 -15.54 16.17 -19.35
CA TRP A 147 -16.33 15.43 -18.38
C TRP A 147 -17.60 16.16 -17.96
N GLU A 148 -17.52 17.48 -17.85
CA GLU A 148 -18.69 18.26 -17.47
C GLU A 148 -19.74 18.12 -18.55
N GLN A 149 -19.37 18.35 -19.80
CA GLN A 149 -20.34 18.24 -20.89
C GLN A 149 -20.85 16.82 -21.07
N ALA A 150 -20.10 15.84 -20.58
CA ALA A 150 -20.51 14.45 -20.69
C ALA A 150 -21.32 14.00 -19.47
N GLY A 151 -21.42 14.86 -18.46
CA GLY A 151 -22.17 14.52 -17.26
C GLY A 151 -21.49 13.46 -16.40
N GLU A 152 -20.17 13.39 -16.47
CA GLU A 152 -19.42 12.42 -15.70
C GLU A 152 -19.55 12.54 -14.18
N ALA A 153 -19.63 13.77 -13.67
CA ALA A 153 -19.74 13.99 -12.24
C ALA A 153 -21.00 13.29 -11.68
N GLU A 154 -22.11 13.42 -12.40
CA GLU A 154 -23.35 12.79 -11.99
C GLU A 154 -23.23 11.27 -11.98
N ARG A 155 -22.58 10.72 -13.01
CA ARG A 155 -22.39 9.29 -13.11
C ARG A 155 -21.47 8.80 -12.00
N LEU A 156 -20.41 9.54 -11.72
CA LEU A 156 -19.49 9.14 -10.67
C LEU A 156 -20.15 9.25 -9.30
N ARG A 157 -20.90 10.33 -9.08
CA ARG A 157 -21.58 10.51 -7.81
C ARG A 157 -22.55 9.34 -7.53
N ALA A 158 -23.26 8.89 -8.56
CA ALA A 158 -24.20 7.77 -8.40
C ALA A 158 -23.46 6.51 -7.99
N TYR A 159 -22.26 6.32 -8.52
CA TYR A 159 -21.47 5.15 -8.17
C TYR A 159 -21.00 5.22 -6.71
N LEU A 160 -20.48 6.37 -6.32
CA LEU A 160 -19.97 6.57 -4.97
C LEU A 160 -21.03 6.45 -3.88
N GLU A 161 -22.23 6.99 -4.12
CA GLU A 161 -23.30 6.94 -3.14
C GLU A 161 -24.08 5.63 -3.19
N GLY A 162 -24.08 4.98 -4.34
CA GLY A 162 -24.83 3.74 -4.47
C GLY A 162 -23.97 2.49 -4.51
N THR A 163 -23.56 2.11 -5.73
CA THR A 163 -22.73 0.94 -5.98
C THR A 163 -21.60 0.74 -4.99
N CYS A 164 -20.80 1.78 -4.79
CA CYS A 164 -19.66 1.72 -3.88
C CYS A 164 -20.06 1.42 -2.44
N VAL A 165 -21.05 2.14 -1.95
CA VAL A 165 -21.54 1.93 -0.59
C VAL A 165 -22.18 0.54 -0.41
N GLU A 166 -23.02 0.17 -1.37
CA GLU A 166 -23.70 -1.12 -1.30
C GLU A 166 -22.75 -2.31 -1.33
N TRP A 167 -21.73 -2.26 -2.18
CA TRP A 167 -20.80 -3.39 -2.24
C TRP A 167 -19.89 -3.43 -1.03
N LEU A 168 -19.51 -2.27 -0.51
CA LEU A 168 -18.67 -2.25 0.68
C LEU A 168 -19.41 -2.92 1.84
N ARG A 169 -20.71 -2.64 1.97
CA ARG A 169 -21.53 -3.23 3.03
C ARG A 169 -21.53 -4.75 2.87
N ARG A 170 -21.65 -5.20 1.63
CA ARG A 170 -21.67 -6.63 1.34
C ARG A 170 -20.33 -7.26 1.65
N TYR A 171 -19.24 -6.59 1.27
CA TYR A 171 -17.92 -7.12 1.53
C TYR A 171 -17.68 -7.27 3.03
N LEU A 172 -18.03 -6.24 3.79
CA LEU A 172 -17.88 -6.26 5.24
C LEU A 172 -18.75 -7.36 5.85
N LYS A 173 -19.90 -7.63 5.24
CA LYS A 173 -20.78 -8.67 5.74
C LYS A 173 -20.18 -10.05 5.47
N ASN A 174 -19.79 -10.29 4.23
CA ASN A 174 -19.21 -11.59 3.86
C ASN A 174 -17.91 -11.92 4.57
N GLY A 175 -17.03 -10.92 4.71
CA GLY A 175 -15.75 -11.16 5.36
C GLY A 175 -15.65 -10.63 6.77
N ASN A 176 -16.80 -10.51 7.42
CA ASN A 176 -16.87 -10.00 8.79
C ASN A 176 -15.88 -10.62 9.76
N ALA A 177 -15.65 -11.92 9.64
CA ALA A 177 -14.72 -12.60 10.54
C ALA A 177 -13.28 -12.14 10.34
N THR A 178 -13.00 -11.58 9.17
CA THR A 178 -11.66 -11.11 8.86
C THR A 178 -11.55 -9.60 9.02
N LEU A 179 -12.50 -8.88 8.42
CA LEU A 179 -12.50 -7.43 8.47
C LEU A 179 -12.93 -6.80 9.79
N LEU A 180 -13.77 -7.46 10.55
CA LEU A 180 -14.23 -6.88 11.80
C LEU A 180 -13.46 -7.35 13.03
N ARG A 181 -12.40 -8.12 12.82
CA ARG A 181 -11.61 -8.63 13.94
C ARG A 181 -10.65 -7.58 14.48
N THR A 182 -10.00 -7.92 15.57
CA THR A 182 -9.00 -7.07 16.19
C THR A 182 -7.88 -7.96 16.72
N ASP A 183 -6.67 -7.75 16.23
CA ASP A 183 -5.52 -8.51 16.70
C ASP A 183 -4.66 -7.56 17.51
N SER A 184 -4.48 -7.89 18.78
CA SER A 184 -3.68 -7.04 19.67
C SER A 184 -2.20 -7.12 19.34
N PRO A 185 -1.50 -5.98 19.37
CA PRO A 185 -0.07 -6.00 19.08
C PRO A 185 0.75 -6.57 20.24
N LYS A 186 1.83 -7.28 19.89
CA LYS A 186 2.73 -7.85 20.88
C LYS A 186 3.96 -6.95 20.73
N ALA A 187 4.45 -6.41 21.84
CA ALA A 187 5.59 -5.50 21.76
C ALA A 187 6.84 -5.98 22.47
N HIS A 188 7.98 -5.41 22.06
CA HIS A 188 9.27 -5.69 22.67
C HIS A 188 10.26 -4.60 22.28
N VAL A 189 11.34 -4.48 23.05
CA VAL A 189 12.36 -3.48 22.80
C VAL A 189 13.74 -4.07 22.52
N THR A 190 14.43 -3.54 21.51
CA THR A 190 15.77 -4.01 21.18
C THR A 190 16.73 -2.92 21.59
N HIS A 191 17.98 -3.30 21.85
CA HIS A 191 19.02 -2.37 22.31
C HIS A 191 20.25 -2.47 21.39
N HIS A 192 20.81 -1.33 21.00
CA HIS A 192 21.99 -1.32 20.12
C HIS A 192 23.03 -0.27 20.48
N SER A 193 24.30 -0.69 20.48
CA SER A 193 25.43 0.18 20.79
C SER A 193 25.67 1.25 19.74
N ARG A 194 26.28 2.35 20.19
CA ARG A 194 26.59 3.48 19.33
C ARG A 194 28.03 3.88 19.65
N PRO A 195 28.72 4.51 18.69
CA PRO A 195 30.10 4.91 18.97
C PRO A 195 30.15 5.99 20.06
N GLU A 196 29.31 7.01 19.86
CA GLU A 196 29.20 8.17 20.74
C GLU A 196 28.93 7.91 22.22
N ASP A 197 29.07 6.67 22.67
CA ASP A 197 28.85 6.35 24.07
C ASP A 197 27.39 6.57 24.48
N LYS A 198 26.47 6.04 23.69
CA LYS A 198 25.05 6.14 23.97
C LYS A 198 24.42 4.95 23.25
N VAL A 199 23.15 4.69 23.49
CA VAL A 199 22.51 3.54 22.86
C VAL A 199 21.28 3.89 22.04
N THR A 200 20.89 2.96 21.17
CA THR A 200 19.71 3.10 20.34
C THR A 200 18.66 2.17 20.93
N LEU A 201 17.49 2.70 21.25
CA LEU A 201 16.42 1.87 21.78
C LEU A 201 15.35 1.81 20.70
N ARG A 202 14.91 0.60 20.36
CA ARG A 202 13.89 0.44 19.34
C ARG A 202 12.70 -0.35 19.85
N CYS A 203 11.52 0.27 19.73
CA CYS A 203 10.29 -0.37 20.18
C CYS A 203 9.57 -1.01 19.01
N TRP A 204 9.30 -2.31 19.11
CA TRP A 204 8.61 -3.06 18.07
C TRP A 204 7.18 -3.40 18.48
N ALA A 205 6.26 -3.32 17.53
CA ALA A 205 4.86 -3.69 17.75
C ALA A 205 4.56 -4.69 16.64
N LEU A 206 4.15 -5.91 17.01
CA LEU A 206 3.91 -6.97 16.02
C LEU A 206 2.51 -7.59 16.02
N GLY A 207 2.22 -8.28 14.91
CA GLY A 207 0.96 -9.00 14.72
C GLY A 207 -0.37 -8.33 15.00
N PHE A 208 -0.50 -7.06 14.67
CA PHE A 208 -1.75 -6.35 14.96
C PHE A 208 -2.63 -6.04 13.75
N TYR A 209 -3.91 -5.77 14.03
CA TYR A 209 -4.91 -5.44 13.02
C TYR A 209 -6.09 -4.82 13.76
N PRO A 210 -6.68 -3.74 13.23
CA PRO A 210 -6.30 -3.05 11.99
C PRO A 210 -4.92 -2.38 12.03
N ALA A 211 -4.56 -1.73 10.93
CA ALA A 211 -3.25 -1.09 10.79
C ALA A 211 -2.97 0.15 11.63
N ASP A 212 -3.99 0.95 11.94
CA ASP A 212 -3.76 2.17 12.72
C ASP A 212 -3.21 1.86 14.10
N ILE A 213 -2.17 2.58 14.48
CA ILE A 213 -1.55 2.37 15.78
C ILE A 213 -0.66 3.56 16.10
N THR A 214 -0.33 3.72 17.38
CA THR A 214 0.54 4.80 17.80
C THR A 214 1.66 4.28 18.71
N LEU A 215 2.89 4.60 18.35
CA LEU A 215 4.06 4.22 19.15
C LEU A 215 4.78 5.50 19.56
N THR A 216 5.05 5.65 20.85
CA THR A 216 5.76 6.82 21.31
C THR A 216 6.78 6.43 22.35
N TRP A 217 7.77 7.30 22.52
CA TRP A 217 8.81 7.12 23.52
C TRP A 217 8.67 8.29 24.50
N GLN A 218 8.70 7.98 25.79
CA GLN A 218 8.56 9.00 26.81
C GLN A 218 9.75 9.10 27.76
N LEU A 219 9.97 10.32 28.25
CA LEU A 219 11.02 10.63 29.22
C LEU A 219 10.40 11.64 30.18
N ASN A 220 10.48 11.38 31.48
CA ASN A 220 9.90 12.30 32.46
C ASN A 220 8.41 12.46 32.20
N GLY A 221 7.83 11.52 31.48
CA GLY A 221 6.41 11.58 31.19
C GLY A 221 6.06 12.42 29.97
N GLU A 222 7.06 12.89 29.24
CA GLU A 222 6.83 13.70 28.04
C GLU A 222 7.27 12.95 26.79
N GLU A 223 6.50 13.12 25.70
CA GLU A 223 6.79 12.45 24.44
C GLU A 223 7.97 13.05 23.69
N LEU A 224 8.91 12.19 23.29
CA LEU A 224 10.09 12.61 22.56
C LEU A 224 9.82 12.65 21.06
N ILE A 225 8.55 12.45 20.70
CA ILE A 225 8.10 12.43 19.31
C ILE A 225 9.09 13.04 18.31
N GLN A 226 9.54 14.24 18.61
CA GLN A 226 10.48 14.96 17.76
C GLN A 226 11.77 14.24 17.42
N ASP A 227 12.55 13.90 18.44
CA ASP A 227 13.86 13.27 18.24
C ASP A 227 13.94 11.76 18.00
N MET A 228 12.81 11.12 17.70
CA MET A 228 12.84 9.69 17.46
C MET A 228 12.72 9.35 15.98
N GLU A 229 13.01 8.11 15.63
CA GLU A 229 12.93 7.65 14.25
C GLU A 229 11.95 6.49 14.17
N LEU A 230 11.35 6.30 12.98
CA LEU A 230 10.39 5.22 12.80
C LEU A 230 10.11 4.90 11.34
N VAL A 231 9.37 3.82 11.11
CA VAL A 231 8.99 3.41 9.76
C VAL A 231 7.47 3.47 9.69
N GLU A 232 6.94 3.60 8.48
CA GLU A 232 5.50 3.65 8.30
C GLU A 232 4.99 2.25 8.62
N THR A 233 3.77 2.17 9.12
CA THR A 233 3.17 0.89 9.44
C THR A 233 3.22 0.06 8.15
N ARG A 234 3.60 -1.20 8.28
CA ARG A 234 3.77 -2.06 7.12
C ARG A 234 3.14 -3.45 7.25
N PRO A 235 2.67 -4.03 6.13
CA PRO A 235 2.04 -5.36 6.13
C PRO A 235 3.07 -6.45 6.36
N ALA A 236 2.69 -7.50 7.08
CA ALA A 236 3.63 -8.58 7.40
C ALA A 236 3.42 -9.91 6.67
N GLY A 237 2.66 -9.87 5.57
CA GLY A 237 2.45 -11.06 4.77
C GLY A 237 1.32 -12.02 5.09
N ASP A 238 0.68 -11.84 6.24
CA ASP A 238 -0.40 -12.73 6.65
C ASP A 238 -1.67 -11.95 6.99
N GLY A 239 -1.75 -10.70 6.57
CA GLY A 239 -2.93 -9.91 6.85
C GLY A 239 -2.79 -9.02 8.07
N THR A 240 -1.67 -9.13 8.78
CA THR A 240 -1.44 -8.31 9.96
C THR A 240 -0.38 -7.24 9.65
N PHE A 241 -0.16 -6.33 10.59
CA PHE A 241 0.81 -5.27 10.37
C PHE A 241 1.84 -5.18 11.48
N GLN A 242 2.88 -4.38 11.26
CA GLN A 242 3.93 -4.18 12.25
C GLN A 242 4.51 -2.78 12.08
N LYS A 243 5.25 -2.33 13.09
CA LYS A 243 5.87 -1.01 13.05
C LYS A 243 6.92 -0.94 14.16
N TRP A 244 7.88 -0.02 14.01
CA TRP A 244 8.88 0.16 15.05
C TRP A 244 9.22 1.64 15.16
N ALA A 245 9.66 2.06 16.35
CA ALA A 245 10.04 3.45 16.61
C ALA A 245 11.23 3.43 17.54
N SER A 246 12.26 4.20 17.19
CA SER A 246 13.47 4.23 18.00
C SER A 246 13.84 5.61 18.51
N VAL A 247 14.71 5.61 19.52
CA VAL A 247 15.21 6.84 20.10
C VAL A 247 16.64 6.57 20.56
N VAL A 248 17.49 7.58 20.41
CA VAL A 248 18.89 7.46 20.82
C VAL A 248 19.00 8.07 22.21
N VAL A 249 19.44 7.26 23.17
CA VAL A 249 19.57 7.73 24.54
C VAL A 249 20.98 7.52 25.11
N PRO A 250 21.32 8.24 26.19
CA PRO A 250 22.64 8.13 26.83
C PRO A 250 22.85 6.77 27.50
N LEU A 251 24.00 6.17 27.24
CA LEU A 251 24.31 4.88 27.83
C LEU A 251 24.10 4.97 29.34
N GLY A 252 23.50 3.93 29.92
CA GLY A 252 23.27 3.94 31.34
C GLY A 252 21.95 4.57 31.74
N LYS A 253 21.38 5.37 30.84
CA LYS A 253 20.10 6.04 31.11
C LYS A 253 18.92 5.40 30.41
N GLU A 254 19.08 4.14 29.98
CA GLU A 254 18.00 3.43 29.27
C GLU A 254 16.71 3.29 30.05
N GLN A 255 16.80 2.85 31.30
CA GLN A 255 15.62 2.65 32.14
C GLN A 255 14.75 3.88 32.37
N TYR A 256 15.22 5.04 31.92
CA TYR A 256 14.46 6.27 32.09
C TYR A 256 13.50 6.52 30.93
N TYR A 257 13.60 5.70 29.89
CA TYR A 257 12.74 5.84 28.72
C TYR A 257 11.76 4.68 28.63
N THR A 258 10.52 5.00 28.30
CA THR A 258 9.50 3.96 28.18
C THR A 258 8.76 4.06 26.86
N CYS A 259 8.39 2.91 26.31
CA CYS A 259 7.67 2.89 25.04
C CYS A 259 6.18 2.73 25.30
N HIS A 260 5.38 3.52 24.59
CA HIS A 260 3.94 3.46 24.72
C HIS A 260 3.33 3.00 23.42
N VAL A 261 2.40 2.05 23.52
CA VAL A 261 1.74 1.49 22.35
C VAL A 261 0.23 1.61 22.49
N TYR A 262 -0.38 2.42 21.64
CA TYR A 262 -1.83 2.62 21.66
C TYR A 262 -2.44 1.91 20.47
N HIS A 263 -3.42 1.04 20.72
CA HIS A 263 -4.08 0.32 19.64
C HIS A 263 -5.49 -0.12 20.01
N GLN A 264 -6.32 -0.26 18.98
CA GLN A 264 -7.70 -0.70 19.14
C GLN A 264 -7.79 -1.98 19.94
N GLY A 265 -6.76 -2.82 19.85
CA GLY A 265 -6.75 -4.08 20.56
C GLY A 265 -6.05 -4.02 21.91
N LEU A 266 -5.78 -2.80 22.38
CA LEU A 266 -5.12 -2.62 23.67
C LEU A 266 -6.03 -1.79 24.58
N PRO A 267 -6.87 -2.47 25.40
CA PRO A 267 -7.78 -1.79 26.33
C PRO A 267 -7.04 -0.67 27.04
N GLU A 268 -5.87 -1.01 27.56
CA GLU A 268 -5.02 -0.04 28.23
C GLU A 268 -3.72 -0.09 27.44
N PRO A 269 -3.19 1.09 27.08
CA PRO A 269 -1.94 1.17 26.31
C PRO A 269 -0.82 0.38 26.95
N LEU A 270 0.06 -0.18 26.12
CA LEU A 270 1.19 -0.93 26.62
C LEU A 270 2.32 0.01 26.96
N THR A 271 3.04 -0.31 28.03
CA THR A 271 4.17 0.49 28.45
C THR A 271 5.32 -0.48 28.64
N LEU A 272 6.41 -0.28 27.91
CA LEU A 272 7.56 -1.16 28.02
C LEU A 272 8.82 -0.35 28.30
N ARG A 273 9.79 -1.03 28.90
CA ARG A 273 11.08 -0.46 29.22
C ARG A 273 12.07 -1.48 28.67
N TRP A 274 13.35 -1.15 28.63
CA TRP A 274 14.31 -2.12 28.13
C TRP A 274 14.80 -3.04 29.25
N ILE B 1 9.20 13.26 -11.57
CA ILE B 1 9.03 12.59 -10.25
C ILE B 1 9.74 11.24 -10.21
N GLN B 2 10.98 11.24 -9.74
CA GLN B 2 11.76 10.02 -9.62
C GLN B 2 12.27 9.94 -8.20
N LYS B 3 11.77 8.94 -7.46
CA LYS B 3 12.16 8.77 -6.07
C LYS B 3 12.75 7.39 -5.84
N THR B 4 13.89 7.35 -5.16
CA THR B 4 14.58 6.11 -4.86
C THR B 4 13.77 5.35 -3.83
N PRO B 5 13.60 4.03 -4.03
CA PRO B 5 12.82 3.23 -3.09
C PRO B 5 13.48 2.93 -1.76
N GLN B 6 12.67 2.90 -0.71
CA GLN B 6 13.14 2.53 0.61
C GLN B 6 12.90 1.03 0.61
N ILE B 7 13.86 0.25 1.12
CA ILE B 7 13.71 -1.21 1.14
C ILE B 7 13.83 -1.75 2.56
N GLN B 8 12.75 -2.38 3.04
CA GLN B 8 12.71 -2.91 4.39
C GLN B 8 12.49 -4.43 4.40
N VAL B 9 13.34 -5.13 5.16
CA VAL B 9 13.28 -6.59 5.27
C VAL B 9 13.01 -6.99 6.70
N TYR B 10 11.98 -7.80 6.90
CA TYR B 10 11.61 -8.22 8.25
C TYR B 10 10.78 -9.49 8.27
N SER B 11 10.80 -10.17 9.42
CA SER B 11 10.02 -11.40 9.60
C SER B 11 8.71 -11.08 10.31
N ARG B 12 7.71 -11.94 10.11
CA ARG B 12 6.41 -11.77 10.74
C ARG B 12 6.50 -11.97 12.25
N HIS B 13 7.21 -13.02 12.65
CA HIS B 13 7.40 -13.35 14.06
C HIS B 13 8.86 -13.18 14.45
N PRO B 14 9.12 -12.99 15.76
CA PRO B 14 10.53 -12.84 16.12
C PRO B 14 11.14 -14.18 15.66
N PRO B 15 12.31 -14.14 15.02
CA PRO B 15 12.92 -15.39 14.55
C PRO B 15 13.31 -16.41 15.61
N GLU B 16 13.09 -17.68 15.29
CA GLU B 16 13.42 -18.81 16.14
C GLU B 16 13.84 -19.96 15.22
N ASN B 17 15.12 -20.32 15.28
CA ASN B 17 15.66 -21.38 14.44
C ASN B 17 14.80 -22.64 14.45
N GLY B 18 14.46 -23.14 13.27
CA GLY B 18 13.63 -24.33 13.18
C GLY B 18 12.13 -24.10 13.13
N LYS B 19 11.68 -22.88 13.38
CA LYS B 19 10.25 -22.58 13.36
C LYS B 19 9.77 -21.80 12.14
N PRO B 20 8.74 -22.32 11.46
CA PRO B 20 8.17 -21.68 10.26
C PRO B 20 7.86 -20.22 10.56
N ASN B 21 8.11 -19.36 9.58
CA ASN B 21 7.90 -17.93 9.74
C ASN B 21 7.60 -17.36 8.35
N ILE B 22 7.56 -16.04 8.23
CA ILE B 22 7.33 -15.38 6.95
C ILE B 22 8.33 -14.24 6.81
N LEU B 23 9.03 -14.19 5.69
CA LEU B 23 9.98 -13.11 5.47
C LEU B 23 9.35 -12.09 4.53
N ASN B 24 9.52 -10.82 4.87
CA ASN B 24 8.93 -9.73 4.09
C ASN B 24 9.95 -8.74 3.55
N CYS B 25 9.69 -8.23 2.35
CA CYS B 25 10.50 -7.20 1.74
C CYS B 25 9.50 -6.18 1.23
N TYR B 26 9.42 -5.05 1.94
CA TYR B 26 8.50 -3.98 1.57
C TYR B 26 9.29 -2.89 0.87
N VAL B 27 8.93 -2.61 -0.38
CA VAL B 27 9.62 -1.60 -1.17
C VAL B 27 8.69 -0.41 -1.28
N THR B 28 9.14 0.73 -0.78
CA THR B 28 8.27 1.90 -0.73
C THR B 28 8.82 3.23 -1.21
N GLN B 29 7.91 4.19 -1.34
CA GLN B 29 8.25 5.55 -1.76
C GLN B 29 9.03 5.69 -3.05
N PHE B 30 8.70 4.88 -4.05
CA PHE B 30 9.41 4.98 -5.32
C PHE B 30 8.56 5.45 -6.48
N HIS B 31 9.24 5.91 -7.53
CA HIS B 31 8.61 6.41 -8.74
C HIS B 31 9.74 6.63 -9.75
N PRO B 32 9.55 6.21 -11.01
CA PRO B 32 8.38 5.56 -11.63
C PRO B 32 8.08 4.18 -11.07
N PRO B 33 6.94 3.59 -11.46
CA PRO B 33 6.51 2.26 -10.99
C PRO B 33 7.34 1.04 -11.41
N HIS B 34 7.96 1.07 -12.58
CA HIS B 34 8.75 -0.07 -13.02
C HIS B 34 9.80 -0.42 -11.98
N ILE B 35 9.92 -1.71 -11.66
CA ILE B 35 10.88 -2.12 -10.65
C ILE B 35 10.98 -3.64 -10.61
N GLU B 36 12.15 -4.14 -10.22
CA GLU B 36 12.39 -5.57 -10.13
C GLU B 36 12.76 -5.94 -8.69
N ILE B 37 12.08 -6.93 -8.14
CA ILE B 37 12.32 -7.34 -6.77
C ILE B 37 12.52 -8.85 -6.63
N GLN B 38 13.60 -9.23 -5.96
CA GLN B 38 13.92 -10.63 -5.75
C GLN B 38 14.29 -10.89 -4.30
N MET B 39 13.82 -12.00 -3.76
CA MET B 39 14.17 -12.34 -2.39
C MET B 39 15.20 -13.46 -2.53
N LEU B 40 16.27 -13.39 -1.74
CA LEU B 40 17.34 -14.37 -1.81
C LEU B 40 17.59 -15.13 -0.52
N LYS B 41 18.01 -16.39 -0.69
CA LYS B 41 18.37 -17.25 0.43
C LYS B 41 19.78 -17.67 0.11
N ASN B 42 20.73 -17.28 0.95
CA ASN B 42 22.13 -17.61 0.74
C ASN B 42 22.59 -17.22 -0.66
N GLY B 43 22.22 -16.01 -1.09
CA GLY B 43 22.62 -15.51 -2.39
C GLY B 43 21.91 -16.08 -3.60
N LYS B 44 20.92 -16.95 -3.37
CA LYS B 44 20.18 -17.55 -4.46
C LYS B 44 18.71 -17.14 -4.42
N LYS B 45 18.16 -16.82 -5.59
CA LYS B 45 16.77 -16.40 -5.70
C LYS B 45 15.77 -17.42 -5.15
N ILE B 46 14.84 -16.95 -4.32
CA ILE B 46 13.81 -17.82 -3.76
C ILE B 46 12.71 -17.88 -4.83
N PRO B 47 12.32 -19.10 -5.25
CA PRO B 47 11.28 -19.31 -6.28
C PRO B 47 9.81 -18.97 -6.02
N LYS B 48 9.28 -19.28 -4.84
CA LYS B 48 7.86 -19.02 -4.59
C LYS B 48 7.44 -17.68 -3.99
N VAL B 49 8.13 -16.60 -4.35
CA VAL B 49 7.82 -15.28 -3.78
C VAL B 49 6.48 -14.70 -4.22
N GLU B 50 5.68 -14.28 -3.25
CA GLU B 50 4.38 -13.68 -3.53
C GLU B 50 4.45 -12.15 -3.49
N MET B 51 3.87 -11.50 -4.49
CA MET B 51 3.85 -10.04 -4.55
C MET B 51 2.46 -9.60 -4.09
N SER B 52 2.38 -8.62 -3.22
CA SER B 52 1.08 -8.16 -2.75
C SER B 52 1.12 -6.75 -2.16
N ASP B 53 -0.04 -6.31 -1.66
CA ASP B 53 -0.17 -5.01 -1.04
C ASP B 53 0.40 -3.86 -1.84
N MET B 54 0.11 -3.85 -3.14
CA MET B 54 0.59 -2.79 -4.00
C MET B 54 -0.32 -1.56 -3.79
N SER B 55 0.28 -0.38 -3.66
CA SER B 55 -0.50 0.83 -3.47
C SER B 55 0.37 2.07 -3.63
N PHE B 56 -0.22 3.23 -3.39
CA PHE B 56 0.54 4.47 -3.42
C PHE B 56 0.00 5.45 -2.40
N SER B 57 0.90 6.26 -1.85
CA SER B 57 0.54 7.24 -0.84
C SER B 57 -0.04 8.50 -1.47
N LYS B 58 -0.29 9.50 -0.64
CA LYS B 58 -0.85 10.76 -1.10
C LYS B 58 0.08 11.51 -2.04
N ASP B 59 1.38 11.31 -1.90
CA ASP B 59 2.32 11.98 -2.79
C ASP B 59 2.53 11.14 -4.05
N TRP B 60 1.68 10.13 -4.22
CA TRP B 60 1.70 9.23 -5.39
C TRP B 60 2.83 8.24 -5.54
N SER B 61 3.76 8.19 -4.57
CA SER B 61 4.86 7.24 -4.68
C SER B 61 4.33 5.83 -4.42
N PHE B 62 4.90 4.85 -5.11
CA PHE B 62 4.46 3.46 -4.98
C PHE B 62 4.98 2.66 -3.80
N TYR B 63 4.18 1.66 -3.42
CA TYR B 63 4.48 0.77 -2.32
C TYR B 63 4.11 -0.64 -2.77
N ILE B 64 4.93 -1.64 -2.45
CA ILE B 64 4.62 -3.01 -2.80
C ILE B 64 5.35 -3.99 -1.87
N LEU B 65 4.73 -5.14 -1.65
CA LEU B 65 5.31 -6.15 -0.77
C LEU B 65 5.63 -7.48 -1.45
N ALA B 66 6.77 -8.04 -1.07
CA ALA B 66 7.20 -9.34 -1.56
C ALA B 66 7.36 -10.14 -0.28
N HIS B 67 6.81 -11.35 -0.25
CA HIS B 67 6.94 -12.16 0.95
C HIS B 67 6.91 -13.64 0.63
N THR B 68 7.54 -14.41 1.50
CA THR B 68 7.63 -15.85 1.34
C THR B 68 7.69 -16.50 2.70
N GLU B 69 7.33 -17.78 2.75
CA GLU B 69 7.39 -18.53 3.99
C GLU B 69 8.82 -19.04 4.13
N PHE B 70 9.33 -19.10 5.35
CA PHE B 70 10.68 -19.61 5.57
C PHE B 70 10.87 -20.10 6.99
N THR B 71 11.87 -20.96 7.17
CA THR B 71 12.18 -21.50 8.47
C THR B 71 13.62 -21.08 8.75
N PRO B 72 13.79 -20.04 9.58
CA PRO B 72 15.11 -19.51 9.95
C PRO B 72 16.06 -20.57 10.47
N THR B 73 17.32 -20.40 10.13
CA THR B 73 18.40 -21.27 10.55
C THR B 73 19.41 -20.30 11.14
N GLU B 74 20.32 -20.77 11.98
CA GLU B 74 21.28 -19.87 12.57
C GLU B 74 22.19 -19.22 11.54
N THR B 75 22.57 -19.97 10.51
CA THR B 75 23.49 -19.43 9.53
C THR B 75 22.99 -19.10 8.12
N ASP B 76 21.71 -19.35 7.83
CA ASP B 76 21.21 -19.01 6.50
C ASP B 76 21.03 -17.50 6.48
N THR B 77 21.44 -16.85 5.40
CA THR B 77 21.27 -15.41 5.31
C THR B 77 20.18 -15.11 4.28
N TYR B 78 19.43 -14.05 4.49
CA TYR B 78 18.37 -13.68 3.56
C TYR B 78 18.55 -12.23 3.17
N ALA B 79 18.13 -11.89 1.95
CA ALA B 79 18.25 -10.53 1.46
C ALA B 79 17.20 -10.25 0.39
N CYS B 80 17.07 -8.98 0.04
CA CYS B 80 16.12 -8.55 -0.97
C CYS B 80 16.86 -7.66 -1.95
N ARG B 81 16.88 -8.07 -3.21
CA ARG B 81 17.57 -7.30 -4.24
C ARG B 81 16.56 -6.54 -5.08
N VAL B 82 16.77 -5.23 -5.22
CA VAL B 82 15.87 -4.38 -5.96
C VAL B 82 16.55 -3.60 -7.09
N LYS B 83 15.87 -3.52 -8.23
CA LYS B 83 16.38 -2.80 -9.40
C LYS B 83 15.39 -1.70 -9.78
N HIS B 84 15.83 -0.44 -9.72
CA HIS B 84 14.97 0.68 -10.06
C HIS B 84 15.78 1.72 -10.85
N ASP B 85 15.13 2.37 -11.81
CA ASP B 85 15.79 3.37 -12.65
C ASP B 85 16.53 4.47 -11.89
N SER B 86 16.09 4.75 -10.68
CA SER B 86 16.74 5.78 -9.88
C SER B 86 18.13 5.35 -9.43
N MET B 87 18.49 4.10 -9.71
CA MET B 87 19.79 3.56 -9.32
C MET B 87 20.50 2.90 -10.51
N ALA B 88 21.81 3.09 -10.60
CA ALA B 88 22.58 2.51 -11.69
C ALA B 88 22.69 0.99 -11.57
N GLU B 89 22.83 0.51 -10.33
CA GLU B 89 22.96 -0.92 -10.08
C GLU B 89 21.97 -1.40 -9.03
N PRO B 90 21.67 -2.72 -9.03
CA PRO B 90 20.74 -3.29 -8.07
C PRO B 90 21.17 -3.09 -6.62
N LYS B 91 20.21 -2.85 -5.74
CA LYS B 91 20.49 -2.65 -4.33
C LYS B 91 20.01 -3.88 -3.55
N THR B 92 20.93 -4.49 -2.79
CA THR B 92 20.61 -5.67 -2.00
C THR B 92 20.64 -5.35 -0.52
N VAL B 93 19.48 -5.45 0.12
CA VAL B 93 19.38 -5.19 1.55
C VAL B 93 19.18 -6.50 2.29
N TYR B 94 19.96 -6.71 3.36
CA TYR B 94 19.86 -7.95 4.13
C TYR B 94 18.84 -7.93 5.26
N TRP B 95 18.43 -9.13 5.65
CA TRP B 95 17.52 -9.29 6.77
C TRP B 95 18.43 -9.23 7.99
N ASP B 96 18.14 -8.29 8.89
CA ASP B 96 18.93 -8.10 10.11
C ASP B 96 18.06 -8.62 11.23
N ARG B 97 18.27 -9.87 11.63
CA ARG B 97 17.45 -10.46 12.66
C ARG B 97 17.60 -9.86 14.05
N ASP B 98 18.62 -9.03 14.24
CA ASP B 98 18.85 -8.41 15.54
C ASP B 98 18.33 -6.99 15.65
N MET B 99 17.81 -6.46 14.54
CA MET B 99 17.30 -5.09 14.54
C MET B 99 16.31 -4.82 15.68
N GLU C 1 -17.36 -3.30 -5.78
CA GLU C 1 -17.09 -3.34 -7.24
C GLU C 1 -16.42 -2.08 -7.76
N GLN C 2 -15.69 -2.24 -8.86
CA GLN C 2 -14.96 -1.17 -9.51
C GLN C 2 -15.85 -0.27 -10.37
N TYR C 3 -15.38 0.95 -10.59
CA TYR C 3 -16.06 1.94 -11.40
C TYR C 3 -15.65 1.73 -12.86
N LYS C 4 -16.51 2.13 -13.80
CA LYS C 4 -16.22 2.03 -15.22
C LYS C 4 -15.72 3.40 -15.66
N PHE C 5 -14.43 3.48 -16.00
CA PHE C 5 -13.83 4.75 -16.42
C PHE C 5 -13.97 5.05 -17.91
N TYR C 6 -13.80 6.32 -18.25
CA TYR C 6 -13.80 6.77 -19.64
C TYR C 6 -12.62 7.71 -19.74
N SER C 7 -11.96 7.72 -20.90
CA SER C 7 -10.78 8.55 -21.13
C SER C 7 -10.80 9.99 -20.63
N VAL C 8 -9.60 10.47 -20.33
CA VAL C 8 -9.38 11.83 -19.88
C VAL C 8 -9.38 12.75 -21.12
C1 NAG D . -19.78 -13.53 10.66
C2 NAG D . -19.68 -14.10 12.10
C3 NAG D . -20.34 -15.48 12.17
C4 NAG D . -21.77 -15.39 11.64
C5 NAG D . -21.83 -14.76 10.22
C6 NAG D . -23.27 -14.49 9.77
C7 NAG D . -17.74 -13.29 13.28
C8 NAG D . -16.28 -13.51 13.67
N2 NAG D . -18.30 -14.23 12.52
O3 NAG D . -20.34 -15.92 13.53
O4 NAG D . -22.38 -16.70 11.62
O5 NAG D . -21.16 -13.47 10.23
O6 NAG D . -23.58 -15.18 8.53
O7 NAG D . -18.34 -12.26 13.65
C1 NAG D . -23.54 -16.82 12.37
C2 NAG D . -24.09 -18.27 12.28
C3 NAG D . -25.12 -18.57 13.40
C4 NAG D . -24.74 -17.97 14.76
C5 NAG D . -24.37 -16.51 14.57
C6 NAG D . -24.05 -15.75 15.84
C7 NAG D . -24.17 -19.12 10.00
C8 NAG D . -24.96 -19.24 8.71
N2 NAG D . -24.75 -18.45 11.00
O3 NAG D . -25.27 -19.99 13.52
O4 NAG D . -25.82 -18.10 15.67
O5 NAG D . -23.23 -16.44 13.71
O6 NAG D . -24.14 -14.34 15.64
O7 NAG D . -23.05 -19.63 10.10
C1 FUC D . -22.59 -15.03 7.54
C2 FUC D . -21.81 -16.33 7.37
C3 FUC D . -20.54 -16.04 6.57
C4 FUC D . -20.78 -14.93 5.52
C5 FUC D . -22.27 -14.83 5.12
C6 FUC D . -22.54 -13.69 4.16
O2 FUC D . -22.62 -17.28 6.68
O3 FUC D . -19.51 -15.65 7.46
O4 FUC D . -20.32 -13.69 6.04
O5 FUC D . -23.13 -14.60 6.28
C1 NAG E . 5.52 20.96 -29.07
C2 NAG E . 5.34 22.43 -29.54
C3 NAG E . 6.19 22.63 -30.80
C4 NAG E . 7.67 22.26 -30.52
C5 NAG E . 7.79 20.86 -29.88
C6 NAG E . 9.21 20.57 -29.38
C7 NAG E . 3.27 23.59 -29.02
C8 NAG E . 1.81 23.88 -29.39
N2 NAG E . 3.94 22.74 -29.81
O3 NAG E . 6.11 23.99 -31.21
O4 NAG E . 8.40 22.31 -31.74
O5 NAG E . 6.90 20.73 -28.74
O6 NAG E . 9.40 19.19 -29.05
O7 NAG E . 3.76 24.13 -28.02
P PO4 F . 4.65 -2.30 -9.88
O1 PO4 F . 3.67 -1.21 -10.25
O2 PO4 F . 4.02 -3.63 -10.15
O3 PO4 F . 5.93 -2.20 -10.70
O4 PO4 F . 4.98 -2.11 -8.41
#